data_1EHW
#
_entry.id   1EHW
#
_cell.length_a   112.960
_cell.length_b   112.960
_cell.length_c   112.960
_cell.angle_alpha   90.00
_cell.angle_beta   90.00
_cell.angle_gamma   90.00
#
_symmetry.space_group_name_H-M   'P 21 3'
#
loop_
_entity.id
_entity.type
_entity.pdbx_description
1 polymer 'NUCLEOSIDE DIPHOSPHATE KINASE'
2 non-polymer 'SULFATE ION'
3 water water
#
_entity_poly.entity_id   1
_entity_poly.type   'polypeptide(L)'
_entity_poly.pdbx_seq_one_letter_code
;MGSSHHHHHHSSGLVPRGSHMGTRERTLVAVKPDGVQRRLVGDVIQRFERRGFTLVGMKMLQAPESVLAEHYQDLRRKPF
YPALIRYMSSGPVVAMVWEGYNVVRASRAMIGHTDSAEAAPGTIRGDFSVHISRNVIHASDSVEGAQREIQLWFQSSELV
SW
;
_entity_poly.pdbx_strand_id   A,B
#
loop_
_chem_comp.id
_chem_comp.type
_chem_comp.name
_chem_comp.formula
SO4 non-polymer 'SULFATE ION' 'O4 S -2'
#
# COMPACT_ATOMS: atom_id res chain seq x y z
N HIS A 20 7.20 11.81 19.71
CA HIS A 20 6.72 12.16 18.34
C HIS A 20 7.57 13.29 17.73
N MET A 21 8.84 13.36 18.13
CA MET A 21 9.75 14.38 17.63
C MET A 21 11.00 13.72 17.05
N GLY A 22 11.89 14.56 16.51
CA GLY A 22 13.11 14.07 15.94
C GLY A 22 12.97 12.81 15.09
N THR A 23 13.52 11.70 15.57
CA THR A 23 13.48 10.45 14.84
C THR A 23 12.12 9.73 14.77
N ARG A 24 11.15 10.15 15.59
CA ARG A 24 9.83 9.52 15.57
C ARG A 24 8.80 10.45 14.92
N GLU A 25 9.29 11.45 14.18
CA GLU A 25 8.45 12.41 13.46
C GLU A 25 7.60 11.65 12.41
N ARG A 26 6.36 12.06 12.21
CA ARG A 26 5.50 11.38 11.26
C ARG A 26 4.78 12.32 10.29
N THR A 27 4.39 11.82 9.13
CA THR A 27 3.70 12.66 8.15
C THR A 27 2.67 11.86 7.35
N LEU A 28 1.66 12.54 6.81
CA LEU A 28 0.66 11.84 6.02
C LEU A 28 0.96 12.02 4.53
N VAL A 29 0.96 10.93 3.78
CA VAL A 29 1.20 10.99 2.35
C VAL A 29 0.00 10.29 1.68
N ALA A 30 -0.52 10.88 0.62
CA ALA A 30 -1.64 10.23 -0.05
C ALA A 30 -1.49 10.22 -1.56
N VAL A 31 -1.79 9.08 -2.16
CA VAL A 31 -1.72 8.99 -3.60
C VAL A 31 -3.15 9.28 -4.06
N LYS A 32 -3.28 10.36 -4.84
CA LYS A 32 -4.54 10.83 -5.37
C LYS A 32 -5.14 9.91 -6.41
N PRO A 33 -6.43 10.08 -6.72
CA PRO A 33 -7.09 9.22 -7.71
C PRO A 33 -6.34 9.08 -9.02
N ASP A 34 -5.76 10.16 -9.53
CA ASP A 34 -5.02 10.07 -10.80
C ASP A 34 -3.82 9.14 -10.66
N GLY A 35 -3.16 9.22 -9.52
CA GLY A 35 -1.99 8.40 -9.25
C GLY A 35 -2.32 6.91 -9.17
N VAL A 36 -3.48 6.59 -8.60
CA VAL A 36 -3.90 5.19 -8.49
C VAL A 36 -4.30 4.62 -9.86
N GLN A 37 -5.07 5.39 -10.62
CA GLN A 37 -5.54 4.94 -11.94
C GLN A 37 -4.42 4.85 -12.95
N ARG A 38 -3.42 5.73 -12.85
CA ARG A 38 -2.32 5.66 -13.78
C ARG A 38 -1.30 4.60 -13.30
N ARG A 39 -1.63 3.90 -12.21
CA ARG A 39 -0.77 2.86 -11.66
C ARG A 39 0.66 3.26 -11.27
N LEU A 40 0.74 4.30 -10.43
CA LEU A 40 1.99 4.84 -9.92
C LEU A 40 2.15 4.55 -8.41
N VAL A 41 1.32 3.68 -7.84
CA VAL A 41 1.40 3.42 -6.42
C VAL A 41 2.75 2.82 -6.02
N GLY A 42 3.17 1.78 -6.74
CA GLY A 42 4.45 1.17 -6.45
C GLY A 42 5.56 2.19 -6.60
N ASP A 43 5.55 2.95 -7.70
CA ASP A 43 6.58 3.95 -7.96
C ASP A 43 6.71 4.94 -6.82
N VAL A 44 5.58 5.43 -6.32
CA VAL A 44 5.62 6.38 -5.23
C VAL A 44 6.18 5.76 -3.94
N ILE A 45 5.75 4.54 -3.59
CA ILE A 45 6.23 3.90 -2.37
C ILE A 45 7.74 3.61 -2.41
N GLN A 46 8.26 3.15 -3.57
CA GLN A 46 9.70 2.88 -3.70
C GLN A 46 10.53 4.09 -3.30
N ARG A 47 10.11 5.29 -3.70
CA ARG A 47 10.87 6.49 -3.36
C ARG A 47 10.91 6.78 -1.88
N PHE A 48 9.83 6.50 -1.16
CA PHE A 48 9.85 6.72 0.27
C PHE A 48 10.68 5.60 0.93
N GLU A 49 10.56 4.37 0.42
CA GLU A 49 11.33 3.28 0.98
C GLU A 49 12.82 3.45 0.77
N ARG A 50 13.23 3.81 -0.43
CA ARG A 50 14.66 3.92 -0.68
C ARG A 50 15.29 5.04 0.12
N ARG A 51 14.49 5.97 0.58
CA ARG A 51 15.05 7.04 1.37
C ARG A 51 15.20 6.63 2.85
N GLY A 52 14.77 5.43 3.19
CA GLY A 52 14.91 4.94 4.56
C GLY A 52 13.76 5.18 5.55
N PHE A 53 12.63 5.70 5.08
CA PHE A 53 11.52 5.92 5.96
C PHE A 53 10.87 4.61 6.37
N THR A 54 10.09 4.65 7.44
CA THR A 54 9.39 3.47 7.92
C THR A 54 7.90 3.62 7.71
N LEU A 55 7.30 2.68 6.99
CA LEU A 55 5.86 2.67 6.71
C LEU A 55 5.11 2.26 7.97
N VAL A 56 4.38 3.18 8.55
CA VAL A 56 3.69 2.89 9.78
C VAL A 56 2.17 2.68 9.69
N GLY A 57 1.56 3.07 8.56
CA GLY A 57 0.14 2.88 8.40
C GLY A 57 -0.18 2.97 6.93
N MET A 58 -1.16 2.20 6.46
CA MET A 58 -1.53 2.28 5.07
C MET A 58 -2.84 1.61 4.71
N LYS A 59 -3.62 2.28 3.86
CA LYS A 59 -4.89 1.75 3.39
C LYS A 59 -5.42 2.43 2.14
N MET A 60 -6.14 1.67 1.33
CA MET A 60 -6.76 2.20 0.15
C MET A 60 -8.24 2.41 0.51
N LEU A 61 -8.80 3.55 0.13
CA LEU A 61 -10.19 3.83 0.39
C LEU A 61 -10.76 4.91 -0.50
N GLN A 62 -12.09 4.97 -0.52
CA GLN A 62 -12.82 6.00 -1.25
C GLN A 62 -13.11 6.97 -0.11
N ALA A 63 -12.39 8.07 -0.07
CA ALA A 63 -12.57 9.04 1.00
C ALA A 63 -13.97 9.63 1.01
N PRO A 64 -14.60 9.71 2.20
CA PRO A 64 -15.94 10.27 2.37
C PRO A 64 -15.81 11.78 2.24
N GLU A 65 -16.75 12.43 1.56
CA GLU A 65 -16.69 13.87 1.40
C GLU A 65 -16.51 14.60 2.74
N SER A 66 -17.00 14.01 3.83
CA SER A 66 -16.86 14.66 5.13
C SER A 66 -15.38 14.73 5.55
N VAL A 67 -14.62 13.69 5.24
CA VAL A 67 -13.19 13.67 5.56
C VAL A 67 -12.48 14.67 4.65
N LEU A 68 -12.80 14.63 3.35
CA LEU A 68 -12.18 15.53 2.39
C LEU A 68 -12.42 17.01 2.72
N ALA A 69 -13.62 17.32 3.21
CA ALA A 69 -13.96 18.70 3.57
C ALA A 69 -13.08 19.20 4.70
N GLU A 70 -12.83 18.35 5.68
CA GLU A 70 -12.00 18.77 6.81
C GLU A 70 -10.53 18.82 6.35
N HIS A 71 -10.13 17.85 5.54
CA HIS A 71 -8.76 17.80 5.02
C HIS A 71 -8.47 19.13 4.32
N TYR A 72 -9.34 19.51 3.39
CA TYR A 72 -9.20 20.74 2.61
C TYR A 72 -9.99 21.93 3.17
N GLN A 73 -10.34 21.86 4.45
CA GLN A 73 -11.13 22.91 5.07
C GLN A 73 -10.69 24.35 4.80
N ASP A 74 -9.39 24.63 4.81
CA ASP A 74 -9.00 26.02 4.58
C ASP A 74 -8.87 26.48 3.13
N LEU A 75 -9.70 25.91 2.25
CA LEU A 75 -9.74 26.29 0.84
C LEU A 75 -11.23 26.37 0.47
N ARG A 76 -12.07 26.16 1.48
CA ARG A 76 -13.53 26.18 1.34
C ARG A 76 -14.07 27.42 0.60
N ARG A 77 -13.40 28.55 0.78
CA ARG A 77 -13.79 29.81 0.15
C ARG A 77 -13.47 29.84 -1.34
N LYS A 78 -12.36 29.22 -1.73
CA LYS A 78 -11.94 29.18 -3.12
C LYS A 78 -13.06 28.70 -4.01
N PRO A 79 -13.11 29.20 -5.26
CA PRO A 79 -14.16 28.78 -6.18
C PRO A 79 -14.02 27.37 -6.74
N PHE A 80 -12.82 26.80 -6.66
CA PHE A 80 -12.59 25.44 -7.15
C PHE A 80 -12.82 24.37 -6.08
N TYR A 81 -12.99 24.82 -4.84
CA TYR A 81 -13.22 23.93 -3.71
C TYR A 81 -14.28 22.89 -4.03
N PRO A 82 -15.44 23.30 -4.57
CA PRO A 82 -16.47 22.29 -4.87
C PRO A 82 -16.03 21.26 -5.92
N ALA A 83 -15.31 21.73 -6.94
CA ALA A 83 -14.82 20.83 -7.99
C ALA A 83 -13.75 19.89 -7.41
N LEU A 84 -12.88 20.43 -6.55
CA LEU A 84 -11.82 19.65 -5.93
C LEU A 84 -12.38 18.47 -5.10
N ILE A 85 -13.40 18.76 -4.30
CA ILE A 85 -14.02 17.74 -3.47
C ILE A 85 -14.63 16.63 -4.31
N ARG A 86 -15.27 16.99 -5.42
CA ARG A 86 -15.87 15.96 -6.27
C ARG A 86 -14.79 15.10 -6.88
N TYR A 87 -13.74 15.76 -7.38
CA TYR A 87 -12.66 15.04 -8.02
C TYR A 87 -11.98 14.10 -7.04
N MET A 88 -11.64 14.58 -5.85
CA MET A 88 -10.96 13.73 -4.87
C MET A 88 -11.76 12.53 -4.40
N SER A 89 -13.08 12.55 -4.58
CA SER A 89 -13.89 11.40 -4.17
C SER A 89 -14.34 10.63 -5.39
N SER A 90 -13.79 10.96 -6.54
CA SER A 90 -14.18 10.30 -7.78
C SER A 90 -13.52 8.94 -7.96
N GLY A 91 -12.60 8.58 -7.08
CA GLY A 91 -11.92 7.30 -7.22
C GLY A 91 -11.16 6.96 -5.96
N PRO A 92 -10.62 5.74 -5.86
CA PRO A 92 -9.87 5.35 -4.67
C PRO A 92 -8.60 6.17 -4.45
N VAL A 93 -8.24 6.32 -3.18
CA VAL A 93 -7.06 7.06 -2.77
C VAL A 93 -6.25 6.09 -1.90
N VAL A 94 -4.92 6.21 -1.87
CA VAL A 94 -4.13 5.35 -0.99
C VAL A 94 -3.52 6.28 0.06
N ALA A 95 -3.87 6.10 1.34
CA ALA A 95 -3.36 6.93 2.45
C ALA A 95 -2.24 6.18 3.17
N MET A 96 -1.22 6.93 3.58
CA MET A 96 -0.07 6.34 4.26
C MET A 96 0.51 7.24 5.31
N VAL A 97 1.14 6.63 6.30
CA VAL A 97 1.80 7.38 7.33
C VAL A 97 3.24 6.89 7.32
N TRP A 98 4.18 7.84 7.19
CA TRP A 98 5.60 7.51 7.15
C TRP A 98 6.28 8.12 8.36
N GLU A 99 7.28 7.42 8.87
CA GLU A 99 7.98 7.87 10.05
C GLU A 99 9.48 7.93 9.82
N GLY A 100 10.13 8.94 10.38
CA GLY A 100 11.56 9.04 10.23
C GLY A 100 12.03 10.43 10.55
N TYR A 101 13.33 10.59 10.67
CA TYR A 101 13.97 11.86 10.97
C TYR A 101 13.74 12.82 9.79
N ASN A 102 13.24 14.03 10.10
CA ASN A 102 12.94 15.09 9.12
C ASN A 102 11.96 14.62 8.05
N VAL A 103 11.12 13.64 8.37
CA VAL A 103 10.22 13.13 7.36
C VAL A 103 9.25 14.16 6.78
N VAL A 104 8.81 15.14 7.58
CA VAL A 104 7.87 16.11 7.02
C VAL A 104 8.52 17.01 5.96
N ARG A 105 9.63 17.65 6.28
CA ARG A 105 10.27 18.50 5.30
C ARG A 105 10.84 17.72 4.12
N ALA A 106 11.37 16.52 4.37
CA ALA A 106 11.92 15.71 3.26
C ALA A 106 10.83 15.28 2.27
N SER A 107 9.68 14.90 2.77
CA SER A 107 8.58 14.50 1.90
C SER A 107 8.06 15.67 1.09
N ARG A 108 8.07 16.84 1.71
CA ARG A 108 7.62 18.03 1.03
C ARG A 108 8.57 18.34 -0.12
N ALA A 109 9.88 18.17 0.09
CA ALA A 109 10.82 18.45 -0.98
C ALA A 109 10.73 17.41 -2.12
N MET A 110 10.40 16.15 -1.79
CA MET A 110 10.31 15.07 -2.77
C MET A 110 9.12 15.20 -3.70
N ILE A 111 8.07 15.84 -3.25
CA ILE A 111 6.91 15.92 -4.11
C ILE A 111 7.00 17.02 -5.16
N GLY A 112 7.59 18.16 -4.83
CA GLY A 112 7.67 19.21 -5.83
C GLY A 112 6.51 20.20 -5.84
N HIS A 113 6.68 21.25 -6.61
CA HIS A 113 5.72 22.33 -6.75
C HIS A 113 4.28 21.91 -7.09
N THR A 114 3.29 22.58 -6.47
CA THR A 114 1.86 22.28 -6.69
C THR A 114 1.56 22.10 -8.18
N ASP A 115 2.10 23.03 -8.97
CA ASP A 115 1.95 22.98 -10.43
C ASP A 115 3.01 22.02 -10.98
N SER A 116 2.61 20.78 -11.29
CA SER A 116 3.54 19.77 -11.78
C SER A 116 4.37 20.20 -12.99
N ALA A 117 3.77 20.97 -13.89
CA ALA A 117 4.47 21.43 -15.08
C ALA A 117 5.67 22.29 -14.69
N GLU A 118 5.62 22.92 -13.53
CA GLU A 118 6.74 23.74 -13.06
C GLU A 118 7.63 23.00 -12.05
N ALA A 119 7.20 21.82 -11.61
CA ALA A 119 7.97 21.05 -10.63
C ALA A 119 9.29 20.56 -11.29
N ALA A 120 10.34 20.47 -10.49
CA ALA A 120 11.65 20.07 -10.97
C ALA A 120 11.78 18.59 -11.25
N PRO A 121 12.52 18.23 -12.31
CA PRO A 121 12.69 16.81 -12.64
C PRO A 121 13.35 16.19 -11.41
N GLY A 122 12.96 14.97 -11.07
CA GLY A 122 13.52 14.33 -9.88
C GLY A 122 12.49 14.31 -8.77
N THR A 123 11.61 15.31 -8.72
CA THR A 123 10.55 15.31 -7.71
C THR A 123 9.48 14.37 -8.26
N ILE A 124 8.55 13.93 -7.42
CA ILE A 124 7.49 13.06 -7.90
C ILE A 124 6.55 13.75 -8.92
N ARG A 125 6.13 14.98 -8.65
CA ARG A 125 5.24 15.67 -9.61
C ARG A 125 6.05 16.00 -10.86
N GLY A 126 7.33 16.35 -10.66
CA GLY A 126 8.19 16.65 -11.80
C GLY A 126 8.43 15.48 -12.76
N ASP A 127 8.33 14.24 -12.31
CA ASP A 127 8.57 13.10 -13.19
C ASP A 127 7.31 12.46 -13.74
N PHE A 128 6.19 12.65 -13.07
CA PHE A 128 4.96 11.98 -13.46
C PHE A 128 3.75 12.79 -13.88
N SER A 129 3.72 14.07 -13.57
CA SER A 129 2.55 14.86 -13.90
C SER A 129 2.81 16.18 -14.58
N VAL A 130 1.77 16.71 -15.17
CA VAL A 130 1.86 17.98 -15.87
C VAL A 130 0.65 18.86 -15.52
N HIS A 131 -0.19 18.39 -14.58
CA HIS A 131 -1.40 19.08 -14.16
C HIS A 131 -1.32 19.65 -12.76
N ILE A 132 -2.36 20.40 -12.38
CA ILE A 132 -2.43 21.01 -11.04
C ILE A 132 -3.30 20.25 -10.04
N SER A 133 -4.56 20.00 -10.34
CA SER A 133 -5.37 19.26 -9.39
C SER A 133 -5.01 17.78 -9.52
N ARG A 134 -4.63 17.35 -10.73
CA ARG A 134 -4.21 15.96 -10.92
C ARG A 134 -2.68 15.92 -10.80
N ASN A 135 -2.18 16.18 -9.59
CA ASN A 135 -0.75 16.18 -9.38
C ASN A 135 -0.26 14.98 -8.55
N VAL A 136 -0.95 13.85 -8.74
CA VAL A 136 -0.56 12.58 -8.17
C VAL A 136 -0.49 12.34 -6.67
N ILE A 137 0.01 13.31 -5.93
CA ILE A 137 0.24 13.04 -4.53
C ILE A 137 0.06 14.23 -3.59
N HIS A 138 -0.20 13.93 -2.31
CA HIS A 138 -0.35 14.92 -1.24
C HIS A 138 0.60 14.58 -0.10
N ALA A 139 1.15 15.59 0.58
CA ALA A 139 2.01 15.37 1.74
C ALA A 139 1.81 16.54 2.70
N SER A 140 1.72 16.24 4.01
CA SER A 140 1.52 17.26 5.05
C SER A 140 2.53 18.36 4.89
N ASP A 141 2.10 19.60 5.04
CA ASP A 141 3.02 20.72 4.85
C ASP A 141 3.73 21.18 6.11
N SER A 142 3.39 20.57 7.24
CA SER A 142 4.05 20.97 8.47
C SER A 142 3.83 19.90 9.51
N VAL A 143 4.69 19.87 10.52
CA VAL A 143 4.56 18.90 11.60
C VAL A 143 3.16 18.98 12.20
N GLU A 144 2.71 20.20 12.50
CA GLU A 144 1.40 20.40 13.09
C GLU A 144 0.28 19.86 12.18
N GLY A 145 0.33 20.25 10.91
CA GLY A 145 -0.66 19.79 9.95
C GLY A 145 -0.64 18.27 9.81
N ALA A 146 0.54 17.66 9.93
CA ALA A 146 0.64 16.20 9.81
C ALA A 146 -0.09 15.52 10.96
N GLN A 147 0.08 16.05 12.17
CA GLN A 147 -0.60 15.48 13.35
C GLN A 147 -2.12 15.57 13.13
N ARG A 148 -2.58 16.72 12.63
CA ARG A 148 -4.00 16.89 12.36
C ARG A 148 -4.48 15.93 11.27
N GLU A 149 -3.78 15.87 10.14
CA GLU A 149 -4.20 14.98 9.04
C GLU A 149 -4.17 13.48 9.37
N ILE A 150 -3.15 13.03 10.08
CA ILE A 150 -3.04 11.62 10.47
C ILE A 150 -4.23 11.20 11.35
N GLN A 151 -4.64 12.08 12.29
CA GLN A 151 -5.77 11.76 13.17
C GLN A 151 -7.06 11.71 12.37
N LEU A 152 -7.12 12.55 11.34
CA LEU A 152 -8.29 12.61 10.48
C LEU A 152 -8.46 11.39 9.58
N TRP A 153 -7.37 10.88 9.02
CA TRP A 153 -7.47 9.74 8.11
C TRP A 153 -7.34 8.37 8.77
N PHE A 154 -6.69 8.34 9.93
CA PHE A 154 -6.43 7.08 10.61
C PHE A 154 -6.90 7.00 12.06
N GLN A 155 -7.32 5.81 12.46
CA GLN A 155 -7.69 5.56 13.86
C GLN A 155 -6.36 5.06 14.45
N SER A 156 -6.13 5.30 15.73
CA SER A 156 -4.89 4.86 16.39
C SER A 156 -4.59 3.39 16.23
N SER A 157 -5.63 2.57 16.16
CA SER A 157 -5.45 1.13 16.03
C SER A 157 -4.92 0.66 14.68
N GLU A 158 -4.93 1.55 13.67
CA GLU A 158 -4.46 1.19 12.33
C GLU A 158 -2.96 1.50 12.18
N LEU A 159 -2.38 2.20 13.15
CA LEU A 159 -0.97 2.55 13.09
C LEU A 159 -0.19 1.47 13.86
N VAL A 160 0.88 0.97 13.25
CA VAL A 160 1.71 -0.08 13.85
C VAL A 160 3.15 0.40 14.05
N SER A 161 3.57 0.57 15.29
CA SER A 161 4.95 1.02 15.55
C SER A 161 5.93 -0.16 15.65
N TRP A 162 7.06 -0.05 14.93
CA TRP A 162 8.08 -1.10 14.94
C TRP A 162 9.07 -0.87 16.10
N MET B 21 -15.97 -13.05 -13.01
CA MET B 21 -16.39 -13.37 -14.41
C MET B 21 -15.24 -13.14 -15.39
N GLY B 22 -14.26 -14.04 -15.37
CA GLY B 22 -13.11 -13.91 -16.26
C GLY B 22 -12.19 -12.77 -15.86
N THR B 23 -12.52 -11.56 -16.31
CA THR B 23 -11.73 -10.35 -16.00
C THR B 23 -12.17 -9.71 -14.68
N ARG B 24 -12.90 -10.47 -13.88
CA ARG B 24 -13.39 -10.02 -12.59
C ARG B 24 -12.73 -10.93 -11.57
N GLU B 25 -11.86 -11.81 -12.05
CA GLU B 25 -11.16 -12.74 -11.17
C GLU B 25 -10.34 -11.95 -10.13
N ARG B 26 -10.29 -12.47 -8.91
CA ARG B 26 -9.56 -11.80 -7.86
C ARG B 26 -8.65 -12.74 -7.07
N THR B 27 -7.66 -12.17 -6.39
CA THR B 27 -6.72 -12.97 -5.62
C THR B 27 -6.17 -12.17 -4.47
N LEU B 28 -5.70 -12.87 -3.45
CA LEU B 28 -5.12 -12.18 -2.31
C LEU B 28 -3.59 -12.28 -2.39
N VAL B 29 -2.93 -11.15 -2.20
CA VAL B 29 -1.48 -11.12 -2.19
C VAL B 29 -1.09 -10.44 -0.90
N ALA B 30 -0.08 -10.95 -0.22
CA ALA B 30 0.32 -10.31 1.04
C ALA B 30 1.82 -10.28 1.15
N VAL B 31 2.34 -9.13 1.52
CA VAL B 31 3.77 -9.06 1.71
C VAL B 31 3.99 -9.48 3.17
N LYS B 32 4.83 -10.50 3.37
CA LYS B 32 5.12 -11.01 4.70
C LYS B 32 5.97 -10.03 5.51
N PRO B 33 6.05 -10.21 6.84
CA PRO B 33 6.84 -9.29 7.68
C PRO B 33 8.27 -8.99 7.22
N ASP B 34 8.93 -9.97 6.61
CA ASP B 34 10.31 -9.75 6.15
C ASP B 34 10.35 -8.83 4.93
N GLY B 35 9.34 -8.95 4.05
CA GLY B 35 9.26 -8.11 2.87
C GLY B 35 9.07 -6.63 3.23
N VAL B 36 8.30 -6.39 4.28
CA VAL B 36 8.03 -5.04 4.79
C VAL B 36 9.27 -4.48 5.47
N GLN B 37 9.89 -5.25 6.36
CA GLN B 37 11.08 -4.78 7.08
C GLN B 37 12.24 -4.54 6.13
N ARG B 38 12.27 -5.28 5.03
CA ARG B 38 13.34 -5.11 4.08
C ARG B 38 12.98 -4.02 3.06
N ARG B 39 11.83 -3.39 3.24
CA ARG B 39 11.40 -2.32 2.35
C ARG B 39 11.24 -2.70 0.87
N LEU B 40 10.51 -3.78 0.61
CA LEU B 40 10.25 -4.26 -0.74
C LEU B 40 8.80 -4.07 -1.18
N VAL B 41 8.00 -3.32 -0.41
CA VAL B 41 6.60 -3.14 -0.75
C VAL B 41 6.39 -2.46 -2.12
N GLY B 42 7.10 -1.36 -2.35
CA GLY B 42 6.99 -0.66 -3.63
C GLY B 42 7.41 -1.57 -4.78
N ASP B 43 8.49 -2.33 -4.58
CA ASP B 43 8.99 -3.25 -5.60
C ASP B 43 7.97 -4.29 -5.98
N VAL B 44 7.34 -4.87 -4.95
CA VAL B 44 6.30 -5.87 -5.16
C VAL B 44 5.11 -5.27 -5.89
N ILE B 45 4.54 -4.18 -5.34
CA ILE B 45 3.36 -3.58 -5.96
C ILE B 45 3.63 -3.18 -7.39
N GLN B 46 4.82 -2.67 -7.64
CA GLN B 46 5.18 -2.25 -8.98
C GLN B 46 5.09 -3.39 -10.01
N ARG B 47 5.47 -4.60 -9.62
CA ARG B 47 5.41 -5.72 -10.55
C ARG B 47 3.98 -6.07 -10.95
N PHE B 48 3.06 -5.95 -10.02
CA PHE B 48 1.67 -6.24 -10.33
C PHE B 48 1.09 -5.11 -11.19
N GLU B 49 1.46 -3.87 -10.86
CA GLU B 49 0.98 -2.72 -11.61
C GLU B 49 1.39 -2.72 -13.08
N ARG B 50 2.63 -3.07 -13.37
CA ARG B 50 3.05 -3.02 -14.77
C ARG B 50 2.53 -4.20 -15.58
N ARG B 51 2.07 -5.23 -14.88
CA ARG B 51 1.52 -6.40 -15.54
C ARG B 51 0.09 -6.02 -15.97
N GLY B 52 -0.46 -4.93 -15.43
CA GLY B 52 -1.79 -4.51 -15.84
C GLY B 52 -2.95 -4.86 -14.92
N PHE B 53 -2.66 -5.43 -13.75
CA PHE B 53 -3.72 -5.77 -12.81
C PHE B 53 -4.27 -4.54 -12.08
N THR B 54 -5.50 -4.66 -11.58
CA THR B 54 -6.14 -3.56 -10.87
C THR B 54 -6.15 -3.80 -9.34
N LEU B 55 -5.64 -2.84 -8.58
CA LEU B 55 -5.60 -2.96 -7.14
C LEU B 55 -6.95 -2.58 -6.56
N VAL B 56 -7.74 -3.55 -6.08
CA VAL B 56 -9.04 -3.21 -5.53
C VAL B 56 -9.16 -3.19 -4.01
N GLY B 57 -8.05 -3.44 -3.31
CA GLY B 57 -8.10 -3.41 -1.85
C GLY B 57 -6.71 -3.52 -1.27
N MET B 58 -6.46 -2.81 -0.17
CA MET B 58 -5.14 -2.86 0.44
C MET B 58 -5.08 -2.23 1.84
N LYS B 59 -4.24 -2.81 2.71
CA LYS B 59 -4.08 -2.26 4.05
C LYS B 59 -2.90 -2.88 4.77
N MET B 60 -2.29 -2.11 5.64
CA MET B 60 -1.18 -2.62 6.44
C MET B 60 -1.78 -2.95 7.81
N LEU B 61 -1.47 -4.11 8.36
CA LEU B 61 -2.00 -4.46 9.68
C LEU B 61 -1.13 -5.53 10.33
N GLN B 62 -1.16 -5.55 11.66
CA GLN B 62 -0.47 -6.54 12.49
C GLN B 62 -1.53 -7.64 12.50
N ALA B 63 -1.24 -8.78 11.89
CA ALA B 63 -2.24 -9.83 11.81
C ALA B 63 -2.58 -10.50 13.14
N PRO B 64 -3.87 -10.59 13.46
CA PRO B 64 -4.37 -11.23 14.70
C PRO B 64 -4.10 -12.74 14.54
N GLU B 65 -3.82 -13.45 15.63
CA GLU B 65 -3.55 -14.88 15.53
C GLU B 65 -4.76 -15.71 15.09
N SER B 66 -5.96 -15.23 15.38
CA SER B 66 -7.15 -15.94 14.96
C SER B 66 -7.24 -15.96 13.43
N VAL B 67 -6.82 -14.85 12.80
CA VAL B 67 -6.84 -14.77 11.34
C VAL B 67 -5.76 -15.67 10.73
N LEU B 68 -4.56 -15.65 11.32
CA LEU B 68 -3.47 -16.48 10.84
C LEU B 68 -3.82 -17.95 10.95
N ALA B 69 -4.40 -18.34 12.10
CA ALA B 69 -4.78 -19.73 12.34
C ALA B 69 -5.80 -20.17 11.29
N GLU B 70 -6.75 -19.29 10.98
CA GLU B 70 -7.73 -19.67 9.95
C GLU B 70 -7.08 -19.66 8.56
N HIS B 71 -6.20 -18.68 8.33
CA HIS B 71 -5.50 -18.57 7.05
C HIS B 71 -4.65 -19.81 6.81
N TYR B 72 -3.97 -20.27 7.87
CA TYR B 72 -3.08 -21.44 7.78
C TYR B 72 -3.61 -22.75 8.40
N GLN B 73 -4.93 -22.89 8.49
CA GLN B 73 -5.53 -24.10 9.06
C GLN B 73 -5.02 -25.41 8.46
N ASP B 74 -4.68 -25.41 7.18
CA ASP B 74 -4.20 -26.63 6.52
C ASP B 74 -2.80 -27.05 6.97
N LEU B 75 -2.06 -26.14 7.58
CA LEU B 75 -0.71 -26.46 8.04
C LEU B 75 -0.68 -26.73 9.55
N ARG B 76 -1.85 -26.70 10.16
CA ARG B 76 -1.97 -26.92 11.60
C ARG B 76 -1.43 -28.28 12.05
N ARG B 77 -1.47 -29.28 11.17
CA ARG B 77 -0.99 -30.63 11.50
C ARG B 77 0.30 -31.01 10.77
N LYS B 78 1.12 -30.02 10.45
CA LYS B 78 2.40 -30.25 9.75
C LYS B 78 3.49 -29.71 10.65
N PRO B 79 4.75 -30.09 10.38
CA PRO B 79 5.87 -29.62 11.20
C PRO B 79 6.03 -28.09 11.19
N PHE B 80 6.55 -27.57 12.29
CA PHE B 80 6.86 -26.16 12.41
C PHE B 80 5.73 -25.13 12.32
N TYR B 81 4.51 -25.56 12.65
CA TYR B 81 3.37 -24.64 12.64
C TYR B 81 3.63 -23.48 13.63
N PRO B 82 4.08 -23.78 14.85
CA PRO B 82 4.33 -22.66 15.78
C PRO B 82 5.37 -21.67 15.23
N ALA B 83 6.42 -22.18 14.59
CA ALA B 83 7.44 -21.27 14.04
C ALA B 83 6.76 -20.42 12.95
N LEU B 84 5.80 -20.99 12.22
CA LEU B 84 5.08 -20.27 11.17
C LEU B 84 4.24 -19.11 11.71
N ILE B 85 3.49 -19.37 12.78
CA ILE B 85 2.66 -18.33 13.37
C ILE B 85 3.52 -17.25 14.00
N ARG B 86 4.68 -17.64 14.51
CA ARG B 86 5.58 -16.71 15.16
C ARG B 86 6.13 -15.68 14.14
N TYR B 87 6.56 -16.20 12.99
CA TYR B 87 7.11 -15.39 11.93
C TYR B 87 6.07 -14.42 11.39
N MET B 88 4.89 -14.93 11.07
CA MET B 88 3.84 -14.13 10.49
C MET B 88 3.23 -13.07 11.40
N SER B 89 3.62 -13.07 12.68
CA SER B 89 3.08 -12.10 13.60
C SER B 89 4.20 -11.30 14.24
N SER B 90 5.42 -11.47 13.72
CA SER B 90 6.59 -10.76 14.21
C SER B 90 6.66 -9.30 13.71
N GLY B 91 5.66 -8.87 12.94
CA GLY B 91 5.66 -7.52 12.40
C GLY B 91 4.48 -7.35 11.47
N PRO B 92 4.23 -6.12 11.00
CA PRO B 92 3.09 -5.91 10.10
C PRO B 92 3.23 -6.55 8.72
N VAL B 93 2.09 -6.83 8.12
CA VAL B 93 2.04 -7.40 6.78
C VAL B 93 1.19 -6.42 5.96
N VAL B 94 1.34 -6.45 4.64
CA VAL B 94 0.52 -5.60 3.79
C VAL B 94 -0.30 -6.58 2.96
N ALA B 95 -1.63 -6.54 3.14
CA ALA B 95 -2.54 -7.41 2.41
C ALA B 95 -3.16 -6.62 1.24
N MET B 96 -3.27 -7.25 0.09
CA MET B 96 -3.78 -6.59 -1.11
C MET B 96 -4.73 -7.47 -1.86
N VAL B 97 -5.65 -6.87 -2.60
CA VAL B 97 -6.55 -7.65 -3.45
C VAL B 97 -6.37 -7.10 -4.86
N TRP B 98 -5.94 -7.96 -5.77
CA TRP B 98 -5.72 -7.58 -7.16
C TRP B 98 -6.76 -8.23 -8.02
N GLU B 99 -7.18 -7.54 -9.05
CA GLU B 99 -8.20 -8.06 -9.94
C GLU B 99 -7.74 -8.06 -11.39
N GLY B 100 -8.11 -9.10 -12.13
CA GLY B 100 -7.74 -9.17 -13.54
C GLY B 100 -7.87 -10.55 -14.14
N TYR B 101 -7.80 -10.61 -15.46
CA TYR B 101 -7.92 -11.85 -16.18
C TYR B 101 -6.83 -12.83 -15.78
N ASN B 102 -7.24 -14.02 -15.36
CA ASN B 102 -6.31 -15.08 -14.95
C ASN B 102 -5.33 -14.63 -13.84
N VAL B 103 -5.75 -13.69 -13.01
CA VAL B 103 -4.88 -13.18 -11.97
C VAL B 103 -4.39 -14.18 -10.92
N VAL B 104 -5.19 -15.21 -10.61
CA VAL B 104 -4.76 -16.21 -9.61
C VAL B 104 -3.52 -16.97 -10.09
N ARG B 105 -3.60 -17.59 -11.27
CA ARG B 105 -2.45 -18.33 -11.80
C ARG B 105 -1.26 -17.44 -12.18
N ALA B 106 -1.50 -16.23 -12.68
CA ALA B 106 -0.40 -15.35 -13.06
C ALA B 106 0.37 -14.88 -11.81
N SER B 107 -0.36 -14.53 -10.75
CA SER B 107 0.28 -14.10 -9.51
C SER B 107 1.10 -15.26 -8.94
N ARG B 108 0.61 -16.49 -9.13
CA ARG B 108 1.32 -17.68 -8.67
C ARG B 108 2.66 -17.83 -9.39
N ALA B 109 2.65 -17.67 -10.72
CA ALA B 109 3.85 -17.80 -11.51
C ALA B 109 4.86 -16.68 -11.23
N MET B 110 4.35 -15.50 -10.88
CA MET B 110 5.19 -14.35 -10.60
C MET B 110 5.94 -14.42 -9.29
N ILE B 111 5.37 -15.06 -8.28
CA ILE B 111 6.07 -15.10 -7.03
C ILE B 111 7.14 -16.19 -7.01
N GLY B 112 6.93 -17.22 -7.82
CA GLY B 112 7.90 -18.31 -7.90
C GLY B 112 7.88 -19.36 -6.79
N HIS B 113 8.83 -20.30 -6.90
CA HIS B 113 8.97 -21.40 -5.95
C HIS B 113 9.02 -21.07 -4.47
N THR B 114 8.35 -21.90 -3.68
CA THR B 114 8.27 -21.77 -2.22
C THR B 114 9.68 -21.66 -1.63
N ASP B 115 10.57 -22.48 -2.18
CA ASP B 115 11.97 -22.53 -1.77
C ASP B 115 12.72 -21.45 -2.55
N SER B 116 12.65 -20.21 -2.06
CA SER B 116 13.31 -19.06 -2.68
C SER B 116 14.65 -19.35 -3.36
N ALA B 117 15.49 -20.15 -2.72
CA ALA B 117 16.80 -20.51 -3.26
C ALA B 117 16.72 -21.18 -4.64
N GLU B 118 15.62 -21.88 -4.90
CA GLU B 118 15.47 -22.52 -6.20
C GLU B 118 14.40 -21.87 -7.07
N ALA B 119 13.98 -20.67 -6.67
CA ALA B 119 13.00 -19.91 -7.43
C ALA B 119 13.76 -19.31 -8.62
N ALA B 120 13.14 -19.26 -9.78
CA ALA B 120 13.82 -18.74 -10.96
C ALA B 120 14.00 -17.23 -10.92
N PRO B 121 15.17 -16.72 -11.36
CA PRO B 121 15.38 -15.27 -11.35
C PRO B 121 14.33 -14.66 -12.27
N GLY B 122 13.76 -13.54 -11.85
CA GLY B 122 12.68 -12.93 -12.62
C GLY B 122 11.39 -12.98 -11.80
N THR B 123 11.26 -13.99 -10.94
CA THR B 123 10.09 -14.09 -10.08
C THR B 123 10.43 -13.27 -8.83
N ILE B 124 9.43 -12.94 -8.04
CA ILE B 124 9.69 -12.17 -6.84
C ILE B 124 10.60 -12.90 -5.83
N ARG B 125 10.36 -14.20 -5.59
CA ARG B 125 11.20 -14.91 -4.64
C ARG B 125 12.60 -15.11 -5.20
N GLY B 126 12.69 -15.41 -6.50
CA GLY B 126 13.98 -15.58 -7.14
C GLY B 126 14.84 -14.31 -7.14
N ASP B 127 14.21 -13.14 -7.14
CA ASP B 127 14.97 -11.89 -7.15
C ASP B 127 15.28 -11.33 -5.78
N PHE B 128 14.37 -11.55 -4.83
CA PHE B 128 14.51 -10.94 -3.50
C PHE B 128 14.75 -11.78 -2.29
N SER B 129 14.55 -13.08 -2.41
CA SER B 129 14.69 -13.94 -1.25
C SER B 129 15.66 -15.09 -1.43
N VAL B 130 16.13 -15.61 -0.30
CA VAL B 130 17.05 -16.75 -0.34
C VAL B 130 16.56 -17.96 0.49
N HIS B 131 15.66 -17.72 1.46
CA HIS B 131 15.12 -18.78 2.34
C HIS B 131 13.78 -19.39 1.90
N ILE B 132 13.41 -20.49 2.57
CA ILE B 132 12.14 -21.22 2.35
C ILE B 132 11.19 -20.63 3.38
N SER B 133 11.72 -20.45 4.60
CA SER B 133 10.98 -19.88 5.73
C SER B 133 10.55 -18.49 5.39
N ARG B 134 11.48 -17.56 5.49
CA ARG B 134 11.18 -16.18 5.15
C ARG B 134 11.22 -16.01 3.63
N ASN B 135 10.06 -16.16 2.98
CA ASN B 135 10.02 -16.03 1.54
C ASN B 135 9.24 -14.83 0.99
N VAL B 136 9.32 -13.72 1.72
CA VAL B 136 8.78 -12.44 1.30
C VAL B 136 7.30 -12.21 0.98
N ILE B 137 6.70 -13.11 0.23
CA ILE B 137 5.34 -12.86 -0.21
C ILE B 137 4.42 -14.08 -0.23
N HIS B 138 3.10 -13.82 -0.22
CA HIS B 138 2.08 -14.87 -0.30
C HIS B 138 1.04 -14.53 -1.38
N ALA B 139 0.53 -15.55 -2.08
CA ALA B 139 -0.51 -15.36 -3.10
C ALA B 139 -1.43 -16.58 -3.04
N SER B 140 -2.74 -16.38 -3.20
CA SER B 140 -3.70 -17.48 -3.14
C SER B 140 -3.32 -18.53 -4.16
N ASP B 141 -3.51 -19.80 -3.82
CA ASP B 141 -3.14 -20.86 -4.74
C ASP B 141 -4.24 -21.31 -5.69
N SER B 142 -5.44 -20.78 -5.52
CA SER B 142 -6.54 -21.15 -6.39
C SER B 142 -7.69 -20.15 -6.27
N VAL B 143 -8.63 -20.22 -7.21
CA VAL B 143 -9.79 -19.34 -7.20
C VAL B 143 -10.63 -19.52 -5.93
N GLU B 144 -10.90 -20.75 -5.52
CA GLU B 144 -11.72 -20.93 -4.32
C GLU B 144 -10.92 -20.50 -3.08
N GLY B 145 -9.61 -20.73 -3.10
CA GLY B 145 -8.77 -20.33 -1.99
C GLY B 145 -8.75 -18.81 -1.90
N ALA B 146 -8.70 -18.15 -3.06
CA ALA B 146 -8.72 -16.70 -3.09
C ALA B 146 -10.02 -16.15 -2.49
N GLN B 147 -11.17 -16.69 -2.89
CA GLN B 147 -12.45 -16.24 -2.34
C GLN B 147 -12.43 -16.36 -0.83
N ARG B 148 -11.90 -17.47 -0.34
CA ARG B 148 -11.85 -17.68 1.10
C ARG B 148 -10.94 -16.65 1.78
N GLU B 149 -9.70 -16.56 1.30
CA GLU B 149 -8.73 -15.64 1.90
C GLU B 149 -9.17 -14.17 1.88
N ILE B 150 -9.75 -13.72 0.78
CA ILE B 150 -10.20 -12.34 0.68
C ILE B 150 -11.25 -12.04 1.75
N GLN B 151 -12.23 -12.94 1.90
CA GLN B 151 -13.28 -12.76 2.92
C GLN B 151 -12.68 -12.77 4.32
N LEU B 152 -11.61 -13.54 4.48
CA LEU B 152 -10.94 -13.61 5.75
C LEU B 152 -10.24 -12.28 6.15
N TRP B 153 -9.48 -11.68 5.23
CA TRP B 153 -8.75 -10.44 5.57
C TRP B 153 -9.46 -9.12 5.36
N PHE B 154 -10.46 -9.09 4.48
CA PHE B 154 -11.14 -7.84 4.19
C PHE B 154 -12.66 -7.89 4.35
N GLN B 155 -13.23 -6.74 4.67
CA GLN B 155 -14.68 -6.62 4.74
C GLN B 155 -15.04 -6.10 3.36
N SER B 156 -16.27 -6.37 2.91
CA SER B 156 -16.72 -5.91 1.58
C SER B 156 -16.62 -4.41 1.40
N SER B 157 -16.75 -3.66 2.48
CA SER B 157 -16.71 -2.22 2.40
C SER B 157 -15.30 -1.68 2.29
N GLU B 158 -14.32 -2.59 2.17
CA GLU B 158 -12.94 -2.17 2.05
C GLU B 158 -12.47 -2.39 0.62
N LEU B 159 -13.30 -3.07 -0.17
CA LEU B 159 -12.96 -3.33 -1.56
C LEU B 159 -13.61 -2.26 -2.40
N VAL B 160 -12.83 -1.65 -3.30
CA VAL B 160 -13.31 -0.60 -4.17
C VAL B 160 -13.10 -1.05 -5.61
N SER B 161 -14.16 -1.13 -6.39
CA SER B 161 -14.02 -1.53 -7.78
C SER B 161 -13.94 -0.32 -8.71
N TRP B 162 -12.82 -0.18 -9.41
CA TRP B 162 -12.63 0.95 -10.33
C TRP B 162 -12.11 0.51 -11.70
S SO4 C . -5.88 20.18 -13.66
O1 SO4 C . -6.38 20.91 -12.49
O2 SO4 C . -5.57 18.78 -13.21
O3 SO4 C . -6.91 20.09 -14.72
O4 SO4 C . -4.70 20.87 -14.20
S SO4 D . 0.48 21.30 -2.39
O1 SO4 D . -0.82 21.31 -3.05
O2 SO4 D . 0.48 21.92 -1.05
O3 SO4 D . 1.53 21.95 -3.19
O4 SO4 D . 0.93 19.92 -2.23
S SO4 E . 3.64 -21.44 -1.43
O1 SO4 E . 2.43 -21.08 -0.66
O2 SO4 E . 4.83 -21.36 -0.54
O3 SO4 E . 3.50 -22.83 -1.94
O4 SO4 E . 3.82 -20.51 -2.59
#